data_2VK9
#
_entry.id   2VK9
#
_cell.length_a   154.612
_cell.length_b   154.612
_cell.length_c   77.605
_cell.angle_alpha   90.00
_cell.angle_beta   90.00
_cell.angle_gamma   120.00
#
_symmetry.space_group_name_H-M   'P 61'
#
loop_
_entity.id
_entity.type
_entity.pdbx_description
1 polymer ALPHA-TOXIN
2 water water
#
_entity_poly.entity_id   1
_entity_poly.type   'polypeptide(L)'
_entity_poly.pdbx_seq_one_letter_code
;MLITREQLMKIASIPLKRKEPEYNLILDALENFNRDIEGTSVKEIYSKLSKLNELVDNYQTKYPSSGRNLALENFRDSLY
SELRELIKNSRTSTIASKNLSFIWIGGPISDQSLEYYNMWKMFNKDYNIRLFYDKNSLLVNTLKTAIIQESSKVIIEQNQ
SNILDGTYGHNKFYSDRMKLIYRYKRELKMLYENMKQNNSVDDIIINFLSNYFKYDIGKLNNQKENNNNKMIAIGATDIN
TENILTNKLKSYYYQELIQTNNLAAASDILRIAILKKYGGVYCDLDFLPGVNLSLFNDISKPNGMDSNYWEAAIFEAIAN
EKKLMNNYPYKYMEQVPSEIKERILSFVRNHDINDLILPLGDIKISQLEILLSRLKAATGKKTFSNAFIISNNDSLTLNN
LISQLENRYEILNSIIQEKFKICETYDSYINSVSELVLETTPKNLSMDGSSFYQQIIGYLSSGFKPEVNSTVFFSGPNIY
SSATCDTYHFIKNTFDMLSSQNQEIFEASNNLYFSKTHDEFKSSWLLRSNIAEKEFQKLIKTYIGRTLNYE
;
_entity_poly.pdbx_strand_id   A
#
# COMPACT_ATOMS: atom_id res chain seq x y z
N LEU A 2 22.92 21.97 15.56
CA LEU A 2 21.59 22.10 16.23
C LEU A 2 20.74 23.13 15.48
N ILE A 3 19.64 23.55 16.12
CA ILE A 3 18.83 24.68 15.68
C ILE A 3 19.55 25.97 16.07
N THR A 4 19.18 27.07 15.42
CA THR A 4 19.80 28.37 15.66
C THR A 4 19.57 28.90 17.09
N ARG A 5 20.42 29.86 17.49
CA ARG A 5 20.36 30.44 18.82
C ARG A 5 19.24 31.49 18.91
N GLU A 6 18.70 31.72 20.11
CA GLU A 6 17.58 32.68 20.31
C GLU A 6 17.91 34.10 19.88
N GLN A 7 19.13 34.55 20.19
CA GLN A 7 19.62 35.84 19.75
C GLN A 7 19.75 35.85 18.23
N LEU A 8 20.30 34.77 17.76
CA LEU A 8 20.50 34.56 16.33
C LEU A 8 19.18 34.63 15.56
N MET A 9 18.18 34.15 16.22
CA MET A 9 16.83 34.14 15.68
C MET A 9 16.28 35.55 15.39
N LYS A 10 16.98 36.59 15.83
CA LYS A 10 16.68 37.95 15.38
C LYS A 10 17.30 38.24 13.98
N ILE A 11 16.80 37.45 13.03
CA ILE A 11 16.85 37.63 11.60
C ILE A 11 15.37 37.89 11.33
N ALA A 12 14.60 37.78 12.40
CA ALA A 12 13.16 37.98 12.38
C ALA A 12 12.74 39.35 12.94
N SER A 13 13.69 40.26 13.07
CA SER A 13 13.37 41.58 13.59
C SER A 13 12.97 42.56 12.49
N ILE A 14 11.91 43.30 12.74
CA ILE A 14 11.51 44.43 11.90
C ILE A 14 11.77 45.69 12.71
N PRO A 15 12.53 46.66 12.13
CA PRO A 15 12.93 47.90 12.82
C PRO A 15 11.79 48.60 13.54
N LEU A 16 11.94 48.82 14.82
CA LEU A 16 10.98 49.51 15.68
C LEU A 16 9.66 48.77 15.74
N LYS A 17 9.61 47.50 15.55
CA LYS A 17 8.39 46.70 15.73
C LYS A 17 8.45 45.95 17.05
N ARG A 18 7.44 46.19 17.89
CA ARG A 18 7.31 45.53 19.19
C ARG A 18 7.17 44.04 19.03
N LYS A 19 7.71 43.29 19.99
CA LYS A 19 7.58 41.83 19.99
C LYS A 19 6.17 41.47 20.44
N GLU A 20 5.49 40.63 19.67
CA GLU A 20 4.18 40.14 20.05
C GLU A 20 4.33 39.03 21.10
N PRO A 21 3.32 38.88 21.99
CA PRO A 21 3.37 37.76 22.95
C PRO A 21 3.58 36.39 22.29
N GLU A 22 2.88 36.09 21.20
CA GLU A 22 3.06 34.81 20.50
C GLU A 22 4.41 34.65 19.77
N TYR A 23 5.10 35.77 19.52
CA TYR A 23 6.48 35.76 19.04
C TYR A 23 7.41 35.41 20.18
N ASN A 24 7.20 36.01 21.34
CA ASN A 24 7.96 35.64 22.54
C ASN A 24 7.83 34.16 22.92
N LEU A 25 6.63 33.60 22.74
CA LEU A 25 6.39 32.18 22.98
C LEU A 25 7.36 31.31 22.18
N ILE A 26 7.52 31.61 20.89
CA ILE A 26 8.48 30.94 20.01
C ILE A 26 9.89 31.13 20.56
N LEU A 27 10.20 32.37 20.92
CA LEU A 27 11.53 32.74 21.41
C LEU A 27 11.87 32.04 22.70
N ASP A 28 10.85 31.72 23.50
CA ASP A 28 11.04 30.99 24.76
C ASP A 28 11.21 29.51 24.52
N ALA A 29 10.38 28.95 23.64
CA ALA A 29 10.51 27.56 23.26
C ALA A 29 11.86 27.28 22.58
N LEU A 30 12.32 28.22 21.76
CA LEU A 30 13.65 28.10 21.18
C LEU A 30 14.75 28.23 22.23
N GLU A 31 14.51 29.05 23.23
CA GLU A 31 15.45 29.26 24.34
C GLU A 31 15.69 27.95 25.07
N ASN A 32 14.61 27.30 25.47
CA ASN A 32 14.67 26.06 26.23
C ASN A 32 15.10 24.84 25.43
N PHE A 33 14.69 24.76 24.17
CA PHE A 33 15.08 23.63 23.32
C PHE A 33 16.60 23.50 23.20
N ASN A 34 17.30 24.62 23.04
CA ASN A 34 18.76 24.59 22.91
C ASN A 34 19.45 24.06 24.16
N ARG A 35 18.86 24.37 25.32
CA ARG A 35 19.39 23.96 26.61
C ARG A 35 18.89 22.57 26.99
N ASP A 36 17.56 22.42 27.08
CA ASP A 36 16.93 21.15 27.43
C ASP A 36 16.81 20.16 26.28
N ILE A 37 17.93 19.49 25.99
CA ILE A 37 17.89 18.29 25.14
C ILE A 37 18.63 17.14 25.85
N GLU A 38 18.93 17.34 27.12
CA GLU A 38 19.57 16.32 27.95
C GLU A 38 18.58 15.82 29.02
N GLY A 39 18.81 14.59 29.50
CA GLY A 39 17.87 13.90 30.40
C GLY A 39 16.57 13.62 29.67
N THR A 40 16.70 13.34 28.37
CA THR A 40 15.60 13.42 27.41
C THR A 40 15.40 12.08 26.71
N SER A 41 14.33 11.99 25.93
CA SER A 41 14.08 10.84 25.06
C SER A 41 13.83 11.32 23.63
N VAL A 42 14.04 10.44 22.65
CA VAL A 42 13.87 10.80 21.24
C VAL A 42 12.47 11.35 20.94
N LYS A 43 11.45 10.69 21.48
CA LYS A 43 10.07 11.11 21.26
C LYS A 43 9.75 12.47 21.89
N GLU A 44 10.38 12.80 23.01
CA GLU A 44 10.15 14.10 23.64
C GLU A 44 10.84 15.24 22.90
N ILE A 45 11.96 14.93 22.23
CA ILE A 45 12.59 15.86 21.31
C ILE A 45 11.66 16.06 20.11
N TYR A 46 11.05 14.99 19.61
CA TYR A 46 10.13 15.14 18.49
C TYR A 46 8.93 15.99 18.88
N SER A 47 8.43 15.82 20.10
CA SER A 47 7.29 16.62 20.56
C SER A 47 7.65 18.09 20.74
N LYS A 48 8.87 18.35 21.21
CA LYS A 48 9.35 19.73 21.37
C LYS A 48 9.56 20.45 20.05
N LEU A 49 10.02 19.73 19.03
CA LEU A 49 10.08 20.26 17.68
C LEU A 49 8.67 20.47 17.14
N SER A 50 7.75 19.64 17.60
CA SER A 50 6.35 19.74 17.19
C SER A 50 5.68 20.96 17.81
N LYS A 51 6.10 21.33 19.02
CA LYS A 51 5.61 22.55 19.68
C LYS A 51 6.10 23.79 18.96
N LEU A 52 7.38 23.79 18.61
CA LEU A 52 7.98 24.90 17.89
C LEU A 52 7.28 25.15 16.58
N ASN A 53 6.91 24.08 15.89
CA ASN A 53 6.23 24.20 14.61
C ASN A 53 4.82 24.78 14.76
N GLU A 54 4.17 24.40 15.85
CA GLU A 54 2.83 24.87 16.14
C GLU A 54 2.84 26.36 16.50
N LEU A 55 3.83 26.75 17.30
CA LEU A 55 3.99 28.15 17.67
C LEU A 55 4.23 29.06 16.46
N VAL A 56 5.04 28.60 15.51
CA VAL A 56 5.23 29.30 14.26
C VAL A 56 3.90 29.45 13.52
N ASP A 57 3.14 28.34 13.41
CA ASP A 57 1.83 28.36 12.76
C ASP A 57 0.92 29.39 13.41
N ASN A 58 0.80 29.33 14.74
CA ASN A 58 -0.02 30.27 15.51
C ASN A 58 0.32 31.73 15.20
N TYR A 59 1.61 32.04 15.16
CA TYR A 59 2.06 33.39 14.84
C TYR A 59 1.61 33.76 13.43
N GLN A 60 1.97 32.93 12.46
CA GLN A 60 1.65 33.18 11.05
C GLN A 60 0.14 33.24 10.79
N THR A 61 -0.62 32.64 11.69
CA THR A 61 -2.06 32.67 11.55
C THR A 61 -2.61 33.97 12.11
N LYS A 62 -2.16 34.35 13.31
CA LYS A 62 -2.62 35.58 13.93
C LYS A 62 -2.18 36.82 13.14
N TYR A 63 -0.98 36.78 12.58
CA TYR A 63 -0.49 37.89 11.77
C TYR A 63 -0.11 37.42 10.37
N PRO A 64 -1.11 37.18 9.50
CA PRO A 64 -0.84 36.71 8.15
C PRO A 64 0.07 37.66 7.37
N SER A 65 0.00 38.94 7.69
CA SER A 65 0.75 39.93 6.90
C SER A 65 2.06 40.40 7.57
N SER A 66 2.47 39.73 8.65
CA SER A 66 3.64 40.14 9.42
C SER A 66 4.92 40.05 8.63
N GLY A 67 5.84 40.94 8.93
CA GLY A 67 7.11 40.98 8.23
C GLY A 67 8.05 39.93 8.74
N ARG A 68 7.69 39.32 9.87
CA ARG A 68 8.50 38.27 10.52
C ARG A 68 8.30 36.90 9.87
N ASN A 69 7.25 36.75 9.08
CA ASN A 69 6.85 35.46 8.52
C ASN A 69 7.91 34.74 7.71
N LEU A 70 8.57 35.45 6.80
CA LEU A 70 9.56 34.83 5.94
C LEU A 70 10.73 34.28 6.75
N ALA A 71 11.15 35.05 7.75
CA ALA A 71 12.21 34.60 8.64
C ALA A 71 11.78 33.35 9.41
N LEU A 72 10.53 33.34 9.86
CA LEU A 72 9.99 32.25 10.66
C LEU A 72 9.77 31.01 9.84
N GLU A 73 9.48 31.17 8.55
CA GLU A 73 9.35 30.04 7.65
C GLU A 73 10.72 29.40 7.38
N ASN A 74 11.74 30.22 7.15
CA ASN A 74 13.12 29.72 7.06
C ASN A 74 13.52 29.04 8.37
N PHE A 75 13.11 29.60 9.49
CA PHE A 75 13.38 29.00 10.77
C PHE A 75 12.70 27.64 10.87
N ARG A 76 11.45 27.57 10.41
CA ARG A 76 10.70 26.32 10.43
C ARG A 76 11.41 25.24 9.63
N ASP A 77 11.95 25.61 8.48
CA ASP A 77 12.71 24.67 7.66
C ASP A 77 13.84 23.99 8.41
N SER A 78 14.40 24.66 9.42
CA SER A 78 15.51 24.09 10.17
C SER A 78 15.04 23.08 11.20
N LEU A 79 13.76 23.14 11.55
CA LEU A 79 13.13 22.10 12.35
C LEU A 79 13.12 20.77 11.59
N TYR A 80 12.94 20.85 10.28
CA TYR A 80 12.97 19.68 9.41
C TYR A 80 14.38 19.11 9.35
N SER A 81 15.36 19.98 9.22
CA SER A 81 16.76 19.56 9.18
C SER A 81 17.17 18.97 10.52
N GLU A 82 16.53 19.46 11.58
CA GLU A 82 16.79 18.95 12.91
C GLU A 82 16.10 17.61 13.07
N LEU A 83 14.93 17.46 12.47
CA LEU A 83 14.20 16.19 12.47
C LEU A 83 15.04 15.14 11.75
N ARG A 84 15.55 15.52 10.57
CA ARG A 84 16.46 14.69 9.79
C ARG A 84 17.67 14.20 10.58
N GLU A 85 18.27 15.08 11.39
CA GLU A 85 19.41 14.71 12.22
C GLU A 85 19.00 13.77 13.34
N LEU A 86 17.82 14.02 13.91
CA LEU A 86 17.33 13.23 15.01
C LEU A 86 17.04 11.81 14.55
N ILE A 87 16.45 11.68 13.36
CA ILE A 87 16.14 10.39 12.77
C ILE A 87 17.42 9.61 12.55
N LYS A 88 18.41 10.26 11.93
CA LYS A 88 19.66 9.59 11.57
C LYS A 88 20.45 9.04 12.75
N ASN A 89 20.43 9.73 13.88
CA ASN A 89 21.23 9.26 15.01
C ASN A 89 20.41 8.55 16.09
N SER A 90 19.12 8.41 15.83
CA SER A 90 18.26 7.59 16.68
C SER A 90 18.08 6.24 16.04
N ARG A 91 18.61 6.08 14.82
CA ARG A 91 18.72 4.75 14.25
C ARG A 91 20.11 4.18 14.53
N THR A 92 20.70 4.64 15.62
CA THR A 92 21.97 4.10 16.04
C THR A 92 21.70 3.09 17.17
N SER A 93 22.32 1.92 17.06
CA SER A 93 22.06 0.82 17.99
C SER A 93 20.57 0.55 18.28
N THR A 94 19.75 0.50 17.23
CA THR A 94 18.37 0.04 17.32
C THR A 94 18.01 -0.62 16.00
N ILE A 95 17.46 -1.82 16.08
CA ILE A 95 17.14 -2.60 14.89
C ILE A 95 15.68 -3.07 14.85
N ALA A 96 15.20 -3.38 13.65
CA ALA A 96 13.85 -3.88 13.47
C ALA A 96 13.75 -5.29 14.01
N SER A 97 12.60 -5.62 14.61
CA SER A 97 12.33 -6.99 15.05
C SER A 97 12.59 -7.97 13.92
N LYS A 98 13.10 -9.15 14.26
CA LYS A 98 13.39 -10.15 13.23
C LYS A 98 12.18 -11.02 12.92
N ASN A 99 11.17 -10.34 12.42
CA ASN A 99 9.98 -10.94 11.89
C ASN A 99 9.89 -10.60 10.43
N LEU A 100 9.63 -11.59 9.61
CA LEU A 100 9.35 -11.35 8.21
C LEU A 100 7.97 -11.90 7.91
N SER A 101 7.08 -11.05 7.41
CA SER A 101 5.70 -11.48 7.23
C SER A 101 5.25 -11.36 5.79
N PHE A 102 4.48 -12.34 5.35
CA PHE A 102 3.84 -12.30 4.05
C PHE A 102 2.37 -12.55 4.27
N ILE A 103 1.53 -12.10 3.34
CA ILE A 103 0.10 -12.35 3.38
C ILE A 103 -0.32 -12.96 2.06
N TRP A 104 -1.15 -14.00 2.12
CA TRP A 104 -1.88 -14.42 0.94
C TRP A 104 -3.29 -14.80 1.33
N ILE A 105 -4.27 -13.97 1.00
CA ILE A 105 -5.65 -14.23 1.42
C ILE A 105 -6.66 -14.40 0.28
N GLY A 106 -7.74 -15.12 0.55
CA GLY A 106 -8.93 -15.16 -0.32
C GLY A 106 -8.98 -16.14 -1.49
N GLY A 107 -8.00 -17.06 -1.56
CA GLY A 107 -7.95 -18.03 -2.65
C GLY A 107 -6.70 -18.89 -2.61
N PRO A 108 -6.52 -19.75 -3.62
CA PRO A 108 -5.35 -20.63 -3.63
C PRO A 108 -4.07 -19.82 -3.86
N ILE A 109 -3.00 -20.20 -3.18
CA ILE A 109 -1.70 -19.59 -3.44
C ILE A 109 -1.11 -20.26 -4.70
N SER A 110 -0.31 -19.51 -5.47
CA SER A 110 0.30 -20.06 -6.67
C SER A 110 1.59 -20.77 -6.32
N ASP A 111 2.07 -21.61 -7.24
CA ASP A 111 3.28 -22.37 -7.02
C ASP A 111 4.54 -21.51 -7.12
N GLN A 112 4.47 -20.43 -7.90
CA GLN A 112 5.59 -19.49 -7.95
C GLN A 112 5.80 -18.84 -6.59
N SER A 113 4.69 -18.46 -5.95
CA SER A 113 4.76 -17.87 -4.60
C SER A 113 5.42 -18.79 -3.60
N LEU A 114 5.17 -20.10 -3.72
CA LEU A 114 5.84 -21.09 -2.86
C LEU A 114 7.35 -21.13 -3.08
N GLU A 115 7.78 -20.82 -4.30
CA GLU A 115 9.19 -20.73 -4.62
C GLU A 115 9.78 -19.46 -4.02
N TYR A 116 9.11 -18.33 -4.24
CA TYR A 116 9.57 -17.03 -3.71
C TYR A 116 9.69 -17.07 -2.19
N TYR A 117 8.70 -17.69 -1.56
CA TYR A 117 8.63 -17.78 -0.11
C TYR A 117 9.78 -18.60 0.41
N ASN A 118 10.09 -19.68 -0.31
CA ASN A 118 11.20 -20.54 0.02
C ASN A 118 12.53 -19.81 -0.13
N MET A 119 12.59 -18.88 -1.08
CA MET A 119 13.79 -18.13 -1.37
C MET A 119 14.11 -17.23 -0.16
N TRP A 120 13.08 -16.54 0.33
CA TRP A 120 13.17 -15.78 1.55
C TRP A 120 13.60 -16.64 2.75
N LYS A 121 13.01 -17.83 2.84
CA LYS A 121 13.33 -18.79 3.89
C LYS A 121 14.79 -19.24 3.85
N MET A 122 15.30 -19.45 2.65
CA MET A 122 16.67 -19.93 2.47
C MET A 122 17.73 -18.94 2.93
N PHE A 123 17.46 -17.64 2.79
CA PHE A 123 18.48 -16.62 3.01
C PHE A 123 18.34 -15.81 4.30
N ASN A 124 17.32 -16.13 5.10
CA ASN A 124 17.04 -15.39 6.32
C ASN A 124 16.64 -16.31 7.47
N LYS A 125 17.54 -17.21 7.82
CA LYS A 125 17.26 -18.21 8.85
C LYS A 125 17.27 -17.62 10.25
N ASP A 126 17.75 -16.38 10.38
CA ASP A 126 17.73 -15.65 11.64
C ASP A 126 16.43 -14.85 11.85
N TYR A 127 15.44 -15.06 10.97
CA TYR A 127 14.13 -14.42 11.08
C TYR A 127 13.04 -15.45 11.43
N ASN A 128 12.03 -15.00 12.18
CA ASN A 128 10.80 -15.75 12.27
C ASN A 128 9.97 -15.32 11.07
N ILE A 129 9.76 -16.26 10.16
CA ILE A 129 9.07 -15.99 8.91
C ILE A 129 7.66 -16.55 9.00
N ARG A 130 6.68 -15.72 8.69
CA ARG A 130 5.30 -16.16 8.74
C ARG A 130 4.58 -15.76 7.47
N LEU A 131 3.61 -16.58 7.10
CA LEU A 131 2.75 -16.33 5.96
C LEU A 131 1.33 -16.35 6.49
N PHE A 132 0.65 -15.22 6.35
CA PHE A 132 -0.65 -15.07 6.97
C PHE A 132 -1.72 -15.29 5.95
N TYR A 133 -2.76 -16.02 6.34
CA TYR A 133 -3.91 -16.22 5.50
C TYR A 133 -5.18 -16.27 6.33
N ASP A 134 -6.32 -16.22 5.66
CA ASP A 134 -7.59 -16.24 6.34
C ASP A 134 -8.35 -17.51 5.97
N LYS A 135 -8.23 -18.48 6.87
CA LYS A 135 -8.83 -19.81 6.73
C LYS A 135 -10.32 -19.71 6.48
N ASN A 136 -10.94 -18.69 7.09
CA ASN A 136 -12.38 -18.55 7.03
C ASN A 136 -12.88 -17.90 5.76
N SER A 137 -11.97 -17.34 4.96
CA SER A 137 -12.35 -16.63 3.76
C SER A 137 -11.39 -17.00 2.64
N LEU A 138 -11.67 -18.13 2.00
CA LEU A 138 -10.78 -18.72 1.02
C LEU A 138 -11.46 -18.80 -0.33
N LEU A 139 -12.65 -18.20 -0.40
CA LEU A 139 -13.48 -18.27 -1.57
C LEU A 139 -13.78 -16.88 -2.11
N VAL A 140 -13.11 -15.87 -1.56
CA VAL A 140 -13.37 -14.49 -1.94
C VAL A 140 -13.03 -14.27 -3.41
N ASN A 141 -11.90 -14.82 -3.84
CA ASN A 141 -11.51 -14.76 -5.22
C ASN A 141 -12.52 -15.41 -6.16
N THR A 142 -13.02 -16.60 -5.79
CA THR A 142 -14.10 -17.26 -6.53
C THR A 142 -15.36 -16.40 -6.55
N LEU A 143 -15.66 -15.78 -5.41
CA LEU A 143 -16.82 -14.89 -5.32
C LEU A 143 -16.71 -13.69 -6.26
N LYS A 144 -15.55 -13.03 -6.29
CA LYS A 144 -15.35 -11.87 -7.18
C LYS A 144 -15.54 -12.24 -8.64
N THR A 145 -14.88 -13.33 -9.06
CA THR A 145 -15.04 -13.89 -10.39
C THR A 145 -16.52 -14.11 -10.68
N ALA A 146 -17.21 -14.79 -9.77
CA ALA A 146 -18.62 -15.08 -9.96
C ALA A 146 -19.40 -13.80 -10.22
N ILE A 147 -19.21 -12.79 -9.37
CA ILE A 147 -19.91 -11.51 -9.50
C ILE A 147 -19.72 -10.94 -10.89
N ILE A 148 -18.46 -10.90 -11.35
CA ILE A 148 -18.13 -10.35 -12.67
C ILE A 148 -18.72 -11.19 -13.78
N GLN A 149 -18.33 -12.46 -13.85
CA GLN A 149 -18.75 -13.39 -14.90
C GLN A 149 -20.25 -13.57 -15.00
N GLU A 150 -20.94 -13.59 -13.86
CA GLU A 150 -22.36 -13.84 -13.86
C GLU A 150 -23.16 -12.61 -14.31
N SER A 151 -22.64 -11.42 -14.04
CA SER A 151 -23.29 -10.16 -14.38
C SER A 151 -23.01 -9.80 -15.82
N SER A 152 -21.80 -10.13 -16.27
CA SER A 152 -21.43 -9.98 -17.66
C SER A 152 -22.42 -10.73 -18.54
N LYS A 153 -22.63 -12.01 -18.22
CA LYS A 153 -23.57 -12.87 -18.92
C LYS A 153 -24.96 -12.21 -19.03
N VAL A 154 -25.51 -11.79 -17.91
CA VAL A 154 -26.88 -11.27 -17.88
C VAL A 154 -27.06 -10.06 -18.78
N ILE A 155 -26.06 -9.19 -18.82
CA ILE A 155 -26.13 -7.95 -19.59
C ILE A 155 -25.83 -8.15 -21.08
N ILE A 156 -24.90 -9.06 -21.40
CA ILE A 156 -24.61 -9.39 -22.79
C ILE A 156 -25.84 -9.99 -23.48
N GLU A 157 -26.54 -10.89 -22.80
CA GLU A 157 -27.68 -11.59 -23.40
C GLU A 157 -28.92 -10.71 -23.51
N GLN A 158 -29.01 -9.69 -22.67
CA GLN A 158 -30.08 -8.70 -22.78
C GLN A 158 -29.90 -7.82 -24.03
N ASN A 159 -28.75 -7.97 -24.70
CA ASN A 159 -28.41 -7.17 -25.86
C ASN A 159 -27.74 -7.99 -26.96
N GLN A 160 -28.29 -9.18 -27.24
CA GLN A 160 -27.69 -10.15 -28.18
C GLN A 160 -27.54 -9.63 -29.62
N SER A 161 -28.65 -9.21 -30.23
CA SER A 161 -28.62 -8.61 -31.58
C SER A 161 -27.81 -7.33 -31.58
N ASN A 162 -27.96 -6.57 -30.50
CA ASN A 162 -27.46 -5.21 -30.39
C ASN A 162 -25.93 -5.07 -30.29
N ILE A 163 -25.22 -6.13 -30.67
CA ILE A 163 -23.75 -6.18 -30.62
C ILE A 163 -23.06 -5.58 -31.86
N LEU A 164 -23.82 -5.38 -32.95
CA LEU A 164 -23.33 -4.74 -34.17
C LEU A 164 -23.29 -3.23 -34.00
N ASP A 165 -22.48 -2.77 -33.05
CA ASP A 165 -22.40 -1.36 -32.64
C ASP A 165 -23.77 -0.68 -32.51
N GLY A 166 -24.79 -1.47 -32.17
CA GLY A 166 -26.18 -1.00 -32.14
C GLY A 166 -26.41 0.14 -31.16
N THR A 167 -26.32 -0.17 -29.88
CA THR A 167 -26.34 0.86 -28.84
C THR A 167 -25.20 0.61 -27.87
N TYR A 168 -24.55 -0.54 -28.02
CA TYR A 168 -23.48 -0.97 -27.12
C TYR A 168 -22.06 -0.66 -27.63
N GLY A 169 -21.81 0.64 -27.80
CA GLY A 169 -20.55 1.17 -28.33
C GLY A 169 -19.84 2.10 -27.35
N HIS A 170 -18.50 2.09 -27.42
CA HIS A 170 -17.62 2.74 -26.42
C HIS A 170 -17.87 2.16 -25.02
N ASN A 171 -18.22 0.86 -25.00
CA ASN A 171 -18.39 0.07 -23.78
C ASN A 171 -19.40 0.63 -22.79
N LYS A 172 -20.62 0.86 -23.30
CA LYS A 172 -21.79 1.12 -22.46
C LYS A 172 -22.02 -0.09 -21.55
N PHE A 173 -21.30 -1.17 -21.86
CA PHE A 173 -21.29 -2.43 -21.11
C PHE A 173 -21.06 -2.25 -19.62
N TYR A 174 -19.92 -1.66 -19.27
CA TYR A 174 -19.52 -1.53 -17.88
C TYR A 174 -20.46 -0.67 -17.04
N SER A 175 -21.16 0.27 -17.69
CA SER A 175 -22.17 1.08 -17.00
C SER A 175 -23.37 0.25 -16.57
N ASP A 176 -23.89 -0.54 -17.51
CA ASP A 176 -25.04 -1.40 -17.25
C ASP A 176 -24.66 -2.56 -16.35
N ARG A 177 -23.47 -3.12 -16.56
CA ARG A 177 -22.97 -4.23 -15.74
C ARG A 177 -22.82 -3.79 -14.28
N MET A 178 -22.35 -2.57 -14.06
CA MET A 178 -22.14 -2.04 -12.72
C MET A 178 -23.45 -1.88 -11.95
N LYS A 179 -24.51 -1.48 -12.65
CA LYS A 179 -25.83 -1.33 -12.04
C LYS A 179 -26.25 -2.64 -11.41
N LEU A 180 -25.89 -3.74 -12.08
CA LEU A 180 -26.25 -5.09 -11.64
C LEU A 180 -25.28 -5.60 -10.58
N ILE A 181 -23.98 -5.37 -10.79
CA ILE A 181 -22.95 -5.68 -9.77
C ILE A 181 -23.28 -4.99 -8.44
N TYR A 182 -23.73 -3.75 -8.50
CA TYR A 182 -24.20 -3.04 -7.30
C TYR A 182 -25.26 -3.86 -6.59
N ARG A 183 -26.27 -4.33 -7.32
CA ARG A 183 -27.37 -5.11 -6.73
C ARG A 183 -26.90 -6.41 -6.08
N TYR A 184 -25.95 -7.07 -6.72
CA TYR A 184 -25.37 -8.30 -6.18
C TYR A 184 -24.67 -8.00 -4.86
N LYS A 185 -23.82 -6.98 -4.87
CA LYS A 185 -23.07 -6.57 -3.68
C LYS A 185 -24.02 -6.19 -2.56
N ARG A 186 -25.14 -5.59 -2.93
CA ARG A 186 -26.09 -5.10 -1.96
C ARG A 186 -26.85 -6.25 -1.31
N GLU A 187 -27.13 -7.29 -2.09
CA GLU A 187 -27.81 -8.46 -1.57
C GLU A 187 -26.89 -9.38 -0.78
N LEU A 188 -25.61 -9.39 -1.17
CA LEU A 188 -24.59 -10.09 -0.41
C LEU A 188 -24.43 -9.46 0.96
N LYS A 189 -24.47 -8.14 1.03
CA LYS A 189 -24.35 -7.46 2.32
C LYS A 189 -25.54 -7.74 3.23
N MET A 190 -26.73 -7.82 2.62
CA MET A 190 -27.92 -8.21 3.36
C MET A 190 -27.75 -9.60 3.97
N LEU A 191 -27.27 -10.55 3.15
CA LEU A 191 -26.98 -11.90 3.62
C LEU A 191 -25.98 -11.91 4.76
N TYR A 192 -24.85 -11.25 4.53
CA TYR A 192 -23.74 -11.19 5.47
C TYR A 192 -24.19 -10.72 6.86
N GLU A 193 -24.93 -9.61 6.89
CA GLU A 193 -25.36 -9.04 8.16
C GLU A 193 -26.19 -10.03 8.98
N ASN A 194 -26.93 -10.88 8.27
CA ASN A 194 -27.83 -11.84 8.91
C ASN A 194 -27.12 -13.10 9.38
N MET A 195 -25.99 -13.39 8.77
CA MET A 195 -25.29 -14.65 9.03
C MET A 195 -24.01 -14.50 9.85
N LYS A 196 -23.46 -13.29 9.93
CA LYS A 196 -22.10 -13.06 10.43
C LYS A 196 -21.84 -13.53 11.86
N GLN A 197 -22.89 -13.60 12.68
CA GLN A 197 -22.73 -14.07 14.07
C GLN A 197 -22.45 -15.57 14.13
N ASN A 198 -22.96 -16.31 13.16
CA ASN A 198 -22.86 -17.78 13.17
C ASN A 198 -21.95 -18.38 12.12
N ASN A 199 -21.58 -17.59 11.12
CA ASN A 199 -20.97 -18.11 9.89
C ASN A 199 -19.67 -17.46 9.49
N SER A 200 -18.82 -18.24 8.84
CA SER A 200 -17.59 -17.73 8.27
C SER A 200 -17.92 -17.06 6.96
N VAL A 201 -17.09 -16.10 6.55
CA VAL A 201 -17.19 -15.49 5.23
C VAL A 201 -17.41 -16.53 4.13
N ASP A 202 -16.66 -17.63 4.19
CA ASP A 202 -16.80 -18.70 3.21
C ASP A 202 -18.18 -19.34 3.24
N ASP A 203 -18.69 -19.60 4.44
CA ASP A 203 -20.02 -20.18 4.57
C ASP A 203 -21.05 -19.25 3.93
N ILE A 204 -20.89 -17.95 4.16
CA ILE A 204 -21.77 -16.94 3.60
C ILE A 204 -21.68 -16.90 2.08
N ILE A 205 -20.46 -16.99 1.57
CA ILE A 205 -20.27 -17.05 0.15
C ILE A 205 -20.94 -18.29 -0.43
N ILE A 206 -20.69 -19.47 0.16
CA ILE A 206 -21.31 -20.72 -0.32
C ILE A 206 -22.82 -20.59 -0.36
N ASN A 207 -23.39 -19.92 0.63
CA ASN A 207 -24.82 -19.66 0.67
C ASN A 207 -25.25 -18.79 -0.50
N PHE A 208 -24.51 -17.71 -0.72
CA PHE A 208 -24.81 -16.73 -1.75
C PHE A 208 -24.71 -17.30 -3.15
N LEU A 209 -23.65 -18.04 -3.43
CA LEU A 209 -23.43 -18.56 -4.76
C LEU A 209 -24.39 -19.69 -5.15
N SER A 210 -24.86 -20.47 -4.18
CA SER A 210 -25.80 -21.55 -4.48
C SER A 210 -27.25 -21.07 -4.59
N ASN A 211 -27.65 -20.17 -3.70
CA ASN A 211 -29.01 -19.63 -3.74
C ASN A 211 -29.26 -18.61 -4.86
N TYR A 212 -28.24 -17.83 -5.22
CA TYR A 212 -28.42 -16.77 -6.22
C TYR A 212 -27.99 -17.16 -7.63
N PHE A 213 -26.91 -17.94 -7.75
CA PHE A 213 -26.45 -18.36 -9.08
C PHE A 213 -26.50 -19.88 -9.32
N LYS A 214 -27.11 -20.61 -8.39
CA LYS A 214 -27.20 -22.08 -8.45
C LYS A 214 -25.85 -22.82 -8.64
N TYR A 215 -24.79 -22.31 -8.02
CA TYR A 215 -23.51 -22.98 -7.98
C TYR A 215 -23.59 -24.19 -7.08
N ASP A 216 -22.86 -25.25 -7.44
CA ASP A 216 -22.90 -26.51 -6.70
C ASP A 216 -22.08 -26.43 -5.41
N ILE A 217 -22.70 -26.77 -4.28
CA ILE A 217 -22.07 -26.68 -2.96
C ILE A 217 -20.82 -27.57 -2.90
N GLY A 218 -20.94 -28.78 -3.44
CA GLY A 218 -19.90 -29.77 -3.34
C GLY A 218 -18.58 -29.30 -3.92
N LYS A 219 -18.63 -28.72 -5.12
CA LYS A 219 -17.45 -28.15 -5.76
C LYS A 219 -16.86 -27.01 -4.94
N LEU A 220 -17.67 -26.07 -4.49
CA LEU A 220 -17.19 -25.02 -3.63
C LEU A 220 -16.53 -25.59 -2.37
N ASN A 221 -17.15 -26.57 -1.74
CA ASN A 221 -16.53 -27.25 -0.60
C ASN A 221 -15.18 -27.82 -0.96
N ASN A 222 -15.06 -28.42 -2.13
CA ASN A 222 -13.81 -29.01 -2.58
C ASN A 222 -12.71 -27.97 -2.80
N GLN A 223 -13.08 -26.81 -3.34
CA GLN A 223 -12.13 -25.71 -3.55
C GLN A 223 -11.54 -25.24 -2.21
N LYS A 224 -12.42 -24.99 -1.24
CA LYS A 224 -12.05 -24.70 0.14
C LYS A 224 -10.99 -25.63 0.73
N GLU A 225 -11.24 -26.95 0.72
CA GLU A 225 -10.30 -27.92 1.30
C GLU A 225 -8.99 -27.84 0.59
N ASN A 226 -9.05 -27.86 -0.75
CA ASN A 226 -7.85 -27.73 -1.53
C ASN A 226 -7.06 -26.49 -1.15
N ASN A 227 -7.72 -25.34 -1.21
CA ASN A 227 -7.13 -24.07 -0.76
C ASN A 227 -6.52 -24.16 0.64
N ASN A 228 -7.26 -24.72 1.59
CA ASN A 228 -6.77 -24.82 2.96
C ASN A 228 -5.62 -25.81 3.14
N ASN A 229 -5.72 -26.97 2.53
CA ASN A 229 -4.65 -27.98 2.63
C ASN A 229 -3.32 -27.46 2.11
N LYS A 230 -3.38 -26.64 1.07
CA LYS A 230 -2.16 -26.09 0.53
C LYS A 230 -1.53 -25.15 1.55
N MET A 231 -2.34 -24.30 2.18
CA MET A 231 -1.88 -23.38 3.20
C MET A 231 -1.32 -24.12 4.43
N ILE A 232 -1.99 -25.21 4.85
CA ILE A 232 -1.47 -26.06 5.92
C ILE A 232 -0.10 -26.63 5.58
N ALA A 233 0.08 -27.02 4.33
CA ALA A 233 1.31 -27.65 3.86
C ALA A 233 2.51 -26.72 3.89
N ILE A 234 2.28 -25.42 3.73
CA ILE A 234 3.38 -24.44 3.74
C ILE A 234 3.56 -23.85 5.14
N GLY A 235 2.64 -24.21 6.04
CA GLY A 235 2.71 -23.82 7.44
C GLY A 235 2.29 -22.38 7.61
N ALA A 236 1.24 -22.00 6.88
CA ALA A 236 0.69 -20.66 6.99
C ALA A 236 0.00 -20.50 8.33
N THR A 237 0.03 -19.28 8.86
CA THR A 237 -0.67 -19.01 10.10
C THR A 237 -2.02 -18.39 9.77
N ASP A 238 -3.05 -18.88 10.44
CA ASP A 238 -4.41 -18.39 10.26
C ASP A 238 -4.60 -17.13 11.12
N ILE A 239 -5.19 -16.09 10.53
CA ILE A 239 -5.37 -14.81 11.24
C ILE A 239 -6.55 -14.82 12.22
N ASN A 240 -7.56 -15.63 11.93
CA ASN A 240 -8.74 -15.79 12.81
C ASN A 240 -8.39 -16.25 14.22
N THR A 241 -7.20 -16.82 14.35
CA THR A 241 -6.81 -17.54 15.55
C THR A 241 -5.74 -16.77 16.34
N GLU A 242 -5.48 -15.54 15.90
CA GLU A 242 -4.61 -14.59 16.59
C GLU A 242 -5.36 -13.28 16.72
N ASN A 243 -5.02 -12.47 17.70
CA ASN A 243 -5.62 -11.15 17.78
C ASN A 243 -4.84 -10.15 16.96
N ILE A 244 -5.03 -10.22 15.66
CA ILE A 244 -4.31 -9.32 14.79
C ILE A 244 -5.25 -8.19 14.42
N LEU A 245 -6.42 -8.53 13.90
CA LEU A 245 -7.41 -7.54 13.51
C LEU A 245 -8.38 -7.24 14.64
N THR A 246 -8.51 -5.95 14.95
CA THR A 246 -9.35 -5.50 16.04
C THR A 246 -10.08 -4.17 15.75
N ASN A 247 -11.27 -4.02 16.32
CA ASN A 247 -12.00 -2.77 16.28
C ASN A 247 -12.20 -2.25 14.87
N LYS A 248 -11.70 -1.02 14.63
CA LYS A 248 -11.88 -0.32 13.37
C LYS A 248 -11.28 -1.06 12.18
N LEU A 249 -10.01 -1.44 12.30
CA LEU A 249 -9.33 -2.15 11.22
C LEU A 249 -10.05 -3.43 10.86
N LYS A 250 -10.52 -4.15 11.88
CA LYS A 250 -11.30 -5.35 11.67
C LYS A 250 -12.55 -5.07 10.82
N SER A 251 -13.18 -3.92 11.03
CA SER A 251 -14.36 -3.53 10.24
C SER A 251 -14.00 -3.31 8.79
N TYR A 252 -12.90 -2.60 8.57
CA TYR A 252 -12.54 -2.22 7.22
C TYR A 252 -12.11 -3.45 6.43
N TYR A 253 -11.52 -4.41 7.15
CA TYR A 253 -11.11 -5.67 6.55
C TYR A 253 -12.30 -6.42 5.95
N TYR A 254 -13.35 -6.60 6.74
CA TYR A 254 -14.53 -7.31 6.26
C TYR A 254 -15.31 -6.51 5.22
N GLN A 255 -15.19 -5.18 5.28
CA GLN A 255 -15.77 -4.29 4.29
C GLN A 255 -15.13 -4.54 2.92
N GLU A 256 -13.81 -4.65 2.90
CA GLU A 256 -13.13 -4.94 1.66
C GLU A 256 -13.41 -6.37 1.17
N LEU A 257 -13.62 -7.28 2.11
CA LEU A 257 -13.86 -8.67 1.79
C LEU A 257 -15.25 -8.88 1.20
N ILE A 258 -16.24 -8.23 1.79
CA ILE A 258 -17.64 -8.50 1.48
C ILE A 258 -18.28 -7.45 0.55
N GLN A 259 -18.24 -6.19 0.96
CA GLN A 259 -18.89 -5.11 0.23
C GLN A 259 -18.19 -4.76 -1.09
N THR A 260 -16.85 -4.79 -1.11
CA THR A 260 -16.13 -4.42 -2.34
C THR A 260 -15.36 -5.54 -2.97
N ASN A 261 -15.23 -6.65 -2.25
CA ASN A 261 -14.55 -7.83 -2.78
C ASN A 261 -13.13 -7.52 -3.29
N ASN A 262 -12.45 -6.64 -2.57
CA ASN A 262 -11.12 -6.24 -2.94
C ASN A 262 -10.05 -6.78 -1.99
N LEU A 263 -9.39 -7.84 -2.44
CA LEU A 263 -8.39 -8.52 -1.65
C LEU A 263 -7.12 -7.69 -1.48
N ALA A 264 -6.75 -6.94 -2.51
CA ALA A 264 -5.63 -6.01 -2.41
C ALA A 264 -5.87 -5.01 -1.28
N ALA A 265 -7.08 -4.48 -1.19
CA ALA A 265 -7.43 -3.54 -0.13
C ALA A 265 -7.45 -4.25 1.23
N ALA A 266 -7.98 -5.46 1.25
CA ALA A 266 -8.04 -6.24 2.48
C ALA A 266 -6.62 -6.47 2.98
N SER A 267 -5.74 -6.81 2.05
CA SER A 267 -4.36 -7.15 2.39
C SER A 267 -3.55 -5.91 2.74
N ASP A 268 -4.06 -4.74 2.33
CA ASP A 268 -3.43 -3.47 2.71
C ASP A 268 -3.74 -3.18 4.15
N ILE A 269 -4.98 -3.47 4.54
CA ILE A 269 -5.37 -3.31 5.93
C ILE A 269 -4.60 -4.30 6.83
N LEU A 270 -4.65 -5.57 6.46
CA LEU A 270 -4.06 -6.63 7.27
C LEU A 270 -2.57 -6.37 7.52
N ARG A 271 -1.87 -5.97 6.46
CA ARG A 271 -0.48 -5.51 6.50
C ARG A 271 -0.16 -4.66 7.72
N ILE A 272 -1.01 -3.66 7.92
CA ILE A 272 -0.81 -2.65 8.93
C ILE A 272 -1.00 -3.26 10.31
N ALA A 273 -2.07 -4.03 10.48
CA ALA A 273 -2.32 -4.74 11.72
C ALA A 273 -1.18 -5.70 12.06
N ILE A 274 -0.64 -6.42 11.07
CA ILE A 274 0.47 -7.34 11.30
C ILE A 274 1.65 -6.57 11.90
N LEU A 275 2.05 -5.51 11.24
CA LEU A 275 3.17 -4.69 11.73
C LEU A 275 2.91 -4.12 13.12
N LYS A 276 1.68 -3.73 13.43
CA LYS A 276 1.43 -3.23 14.78
C LYS A 276 1.44 -4.32 15.84
N LYS A 277 1.23 -5.56 15.42
CA LYS A 277 1.30 -6.67 16.35
C LYS A 277 2.75 -7.16 16.50
N TYR A 278 3.41 -7.53 15.40
CA TYR A 278 4.71 -8.18 15.44
C TYR A 278 5.86 -7.21 15.18
N GLY A 279 5.60 -6.19 14.37
CA GLY A 279 6.67 -5.35 13.83
C GLY A 279 7.57 -6.17 12.92
N GLY A 280 8.65 -5.54 12.46
CA GLY A 280 9.61 -6.20 11.58
C GLY A 280 9.43 -5.80 10.13
N VAL A 281 9.62 -6.77 9.25
CA VAL A 281 9.54 -6.55 7.81
C VAL A 281 8.25 -7.15 7.31
N TYR A 282 7.53 -6.41 6.47
CA TYR A 282 6.47 -7.00 5.67
C TYR A 282 6.90 -7.02 4.23
N CYS A 283 6.66 -8.13 3.55
CA CYS A 283 7.01 -8.23 2.15
C CYS A 283 5.90 -8.81 1.30
N ASP A 284 5.82 -8.31 0.07
CA ASP A 284 4.93 -8.81 -0.94
C ASP A 284 5.55 -10.08 -1.53
N LEU A 285 4.73 -11.11 -1.76
CA LEU A 285 5.20 -12.37 -2.34
C LEU A 285 5.75 -12.27 -3.80
N ASP A 286 5.62 -11.10 -4.42
CA ASP A 286 6.20 -10.85 -5.72
C ASP A 286 7.67 -10.44 -5.66
N PHE A 287 8.13 -10.05 -4.48
CA PHE A 287 9.51 -9.63 -4.32
C PHE A 287 10.34 -10.80 -3.85
N LEU A 288 11.65 -10.67 -3.99
CA LEU A 288 12.57 -11.71 -3.60
C LEU A 288 13.68 -11.03 -2.83
N PRO A 289 14.47 -11.82 -2.09
CA PRO A 289 15.63 -11.24 -1.42
C PRO A 289 16.51 -10.43 -2.36
N GLY A 290 17.18 -9.41 -1.81
CA GLY A 290 18.00 -8.50 -2.59
C GLY A 290 19.17 -9.16 -3.30
N VAL A 291 19.34 -8.83 -4.59
CA VAL A 291 20.46 -9.35 -5.37
C VAL A 291 21.57 -8.30 -5.49
N ASN A 292 22.80 -8.79 -5.44
CA ASN A 292 23.98 -7.95 -5.55
C ASN A 292 24.26 -7.54 -7.00
N LEU A 293 23.46 -6.62 -7.54
CA LEU A 293 23.58 -6.21 -8.94
C LEU A 293 24.89 -5.50 -9.30
N SER A 294 25.52 -4.86 -8.31
CA SER A 294 26.82 -4.21 -8.51
C SER A 294 27.83 -5.10 -9.22
N LEU A 295 27.96 -6.35 -8.77
CA LEU A 295 28.97 -7.26 -9.29
C LEU A 295 28.90 -7.40 -10.82
N PHE A 296 27.73 -7.12 -11.38
CA PHE A 296 27.49 -7.26 -12.82
C PHE A 296 27.62 -5.92 -13.54
N ASN A 297 28.47 -5.04 -12.99
CA ASN A 297 28.70 -3.71 -13.57
C ASN A 297 29.68 -3.70 -14.73
N ASP A 298 30.62 -4.65 -14.73
CA ASP A 298 31.56 -4.82 -15.83
C ASP A 298 30.97 -5.68 -16.95
N ILE A 299 29.64 -5.71 -17.03
CA ILE A 299 28.93 -6.31 -18.17
C ILE A 299 27.92 -5.28 -18.68
N SER A 300 28.18 -4.79 -19.89
CA SER A 300 27.39 -3.71 -20.49
C SER A 300 26.05 -4.21 -21.03
N LYS A 301 24.98 -3.57 -20.58
CA LYS A 301 23.63 -3.90 -20.99
C LYS A 301 23.41 -3.55 -22.48
N PRO A 302 22.89 -4.51 -23.27
CA PRO A 302 22.57 -4.32 -24.71
C PRO A 302 21.78 -3.04 -25.00
N ASN A 303 22.14 -2.37 -26.11
CA ASN A 303 21.56 -1.07 -26.47
C ASN A 303 20.03 -0.97 -26.40
N GLY A 304 19.34 -1.97 -26.92
CA GLY A 304 17.87 -1.98 -26.96
C GLY A 304 17.20 -2.27 -25.62
N MET A 305 17.88 -3.05 -24.78
CA MET A 305 17.36 -3.54 -23.47
C MET A 305 16.64 -2.51 -22.61
N ASP A 306 15.57 -2.96 -21.96
CA ASP A 306 14.95 -2.19 -20.88
C ASP A 306 15.66 -2.55 -19.58
N SER A 307 16.19 -1.54 -18.88
CA SER A 307 16.98 -1.72 -17.64
C SER A 307 16.38 -2.75 -16.68
N ASN A 308 15.07 -2.68 -16.51
CA ASN A 308 14.33 -3.64 -15.70
C ASN A 308 14.51 -5.06 -16.19
N TYR A 309 14.25 -5.29 -17.48
CA TYR A 309 14.36 -6.64 -18.07
C TYR A 309 15.79 -7.18 -18.04
N TRP A 310 16.76 -6.28 -18.16
CA TRP A 310 18.17 -6.64 -18.02
C TRP A 310 18.45 -7.23 -16.64
N GLU A 311 17.98 -6.53 -15.60
CA GLU A 311 18.18 -6.95 -14.22
C GLU A 311 17.37 -8.21 -13.91
N ALA A 312 16.16 -8.29 -14.45
CA ALA A 312 15.38 -9.53 -14.37
C ALA A 312 16.21 -10.70 -14.89
N ALA A 313 16.82 -10.50 -16.05
CA ALA A 313 17.65 -11.52 -16.70
C ALA A 313 18.87 -11.95 -15.88
N ILE A 314 19.55 -11.00 -15.26
CA ILE A 314 20.64 -11.28 -14.31
C ILE A 314 20.16 -12.32 -13.30
N PHE A 315 19.01 -12.08 -12.67
CA PHE A 315 18.53 -12.99 -11.64
C PHE A 315 18.13 -14.37 -12.15
N GLU A 316 17.54 -14.44 -13.35
CA GLU A 316 17.25 -15.73 -13.98
C GLU A 316 18.50 -16.61 -14.06
N ALA A 317 19.64 -15.97 -14.30
CA ALA A 317 20.92 -16.63 -14.36
C ALA A 317 21.33 -17.17 -13.01
N ILE A 318 21.21 -16.33 -11.98
CA ILE A 318 21.51 -16.79 -10.63
C ILE A 318 20.57 -17.92 -10.27
N ALA A 319 19.25 -17.68 -10.42
CA ALA A 319 18.25 -18.66 -10.04
C ALA A 319 18.57 -20.02 -10.64
N ASN A 320 18.88 -20.02 -11.94
CA ASN A 320 19.14 -21.25 -12.69
C ASN A 320 20.49 -21.92 -12.43
N GLU A 321 21.58 -21.21 -12.67
CA GLU A 321 22.90 -21.78 -12.44
C GLU A 321 23.11 -22.24 -11.01
N LYS A 322 22.65 -21.44 -10.06
CA LYS A 322 22.80 -21.72 -8.63
C LYS A 322 21.67 -22.59 -8.11
N LYS A 323 20.78 -23.00 -9.01
CA LYS A 323 19.67 -23.91 -8.74
C LYS A 323 18.86 -23.50 -7.50
N LEU A 324 18.31 -22.30 -7.56
CA LEU A 324 17.55 -21.72 -6.46
C LEU A 324 16.04 -21.92 -6.58
N MET A 325 15.57 -22.27 -7.77
CA MET A 325 14.15 -22.39 -8.07
C MET A 325 13.98 -23.37 -9.22
N ASN A 326 12.95 -24.19 -9.14
CA ASN A 326 12.72 -25.17 -10.20
C ASN A 326 11.91 -24.64 -11.39
N ASN A 327 11.24 -23.52 -11.20
CA ASN A 327 10.31 -23.04 -12.19
C ASN A 327 10.51 -21.57 -12.43
N TYR A 328 11.71 -21.21 -12.86
CA TYR A 328 12.01 -19.83 -13.20
C TYR A 328 12.75 -19.78 -14.53
N PRO A 329 11.98 -19.85 -15.64
CA PRO A 329 12.51 -19.87 -17.02
C PRO A 329 13.28 -18.60 -17.41
N TYR A 330 14.14 -18.70 -18.42
CA TYR A 330 14.88 -17.55 -18.95
C TYR A 330 13.99 -16.67 -19.84
N LYS A 331 12.88 -16.18 -19.27
CA LYS A 331 11.92 -15.38 -20.03
C LYS A 331 12.51 -14.04 -20.53
N TYR A 332 13.42 -13.45 -19.75
CA TYR A 332 13.95 -12.15 -20.12
C TYR A 332 15.38 -12.22 -20.62
N MET A 333 15.92 -13.44 -20.67
CA MET A 333 17.24 -13.66 -21.27
C MET A 333 17.15 -14.11 -22.73
N GLU A 334 15.92 -14.26 -23.24
CA GLU A 334 15.69 -14.49 -24.67
C GLU A 334 16.24 -13.31 -25.47
N GLN A 335 15.89 -12.09 -25.04
CA GLN A 335 16.32 -10.84 -25.67
C GLN A 335 17.83 -10.67 -25.76
N VAL A 336 18.55 -11.21 -24.78
CA VAL A 336 20.01 -11.12 -24.76
C VAL A 336 20.64 -12.11 -25.74
N PRO A 337 21.58 -11.63 -26.58
CA PRO A 337 22.40 -12.46 -27.47
C PRO A 337 23.27 -13.49 -26.74
N SER A 338 23.66 -14.55 -27.45
CA SER A 338 24.36 -15.71 -26.87
C SER A 338 25.66 -15.38 -26.14
N GLU A 339 26.43 -14.43 -26.69
CA GLU A 339 27.76 -14.12 -26.17
C GLU A 339 27.71 -13.50 -24.78
N ILE A 340 26.74 -12.60 -24.59
CA ILE A 340 26.53 -11.91 -23.32
C ILE A 340 25.99 -12.87 -22.26
N LYS A 341 24.96 -13.63 -22.63
CA LYS A 341 24.40 -14.66 -21.75
C LYS A 341 25.47 -15.56 -21.13
N GLU A 342 26.42 -16.02 -21.94
CA GLU A 342 27.50 -16.90 -21.46
C GLU A 342 28.50 -16.20 -20.53
N ARG A 343 28.61 -14.89 -20.66
CA ARG A 343 29.41 -14.10 -19.74
C ARG A 343 28.70 -14.00 -18.40
N ILE A 344 27.38 -13.76 -18.44
CA ILE A 344 26.55 -13.76 -17.24
C ILE A 344 26.68 -15.11 -16.52
N LEU A 345 26.36 -16.19 -17.24
CA LEU A 345 26.38 -17.54 -16.69
C LEU A 345 27.72 -18.00 -16.13
N SER A 346 28.82 -17.56 -16.74
CA SER A 346 30.14 -17.87 -16.23
C SER A 346 30.48 -16.98 -15.03
N PHE A 347 29.95 -15.76 -15.02
CA PHE A 347 30.15 -14.85 -13.90
C PHE A 347 29.44 -15.37 -12.67
N VAL A 348 28.22 -15.87 -12.86
CA VAL A 348 27.45 -16.50 -11.80
C VAL A 348 28.18 -17.70 -11.21
N ARG A 349 28.64 -18.62 -12.06
CA ARG A 349 29.24 -19.86 -11.55
C ARG A 349 30.60 -19.68 -10.86
N ASN A 350 31.25 -18.54 -11.09
CA ASN A 350 32.53 -18.24 -10.45
C ASN A 350 32.44 -17.37 -9.20
N HIS A 351 31.21 -17.00 -8.82
CA HIS A 351 30.96 -16.26 -7.59
C HIS A 351 30.19 -17.11 -6.59
N ASP A 352 30.46 -16.89 -5.29
CA ASP A 352 29.76 -17.59 -4.22
C ASP A 352 28.29 -17.17 -4.17
N ILE A 353 27.44 -18.08 -3.69
CA ILE A 353 25.99 -17.86 -3.62
C ILE A 353 25.58 -16.74 -2.67
N ASN A 354 26.30 -16.62 -1.55
CA ASN A 354 26.01 -15.61 -0.53
C ASN A 354 26.64 -14.27 -0.88
N ASP A 355 27.40 -14.29 -1.96
CA ASP A 355 27.97 -13.09 -2.50
C ASP A 355 26.96 -12.46 -3.48
N LEU A 356 26.07 -13.30 -4.01
CA LEU A 356 25.12 -12.90 -5.03
C LEU A 356 23.78 -12.44 -4.46
N ILE A 357 23.26 -13.22 -3.52
CA ILE A 357 21.99 -12.90 -2.86
C ILE A 357 22.27 -12.37 -1.47
N LEU A 358 21.66 -11.25 -1.14
CA LEU A 358 21.89 -10.57 0.13
C LEU A 358 20.87 -11.00 1.21
N PRO A 359 21.34 -11.27 2.45
CA PRO A 359 20.43 -11.51 3.57
C PRO A 359 19.92 -10.20 4.12
N LEU A 360 18.77 -10.22 4.80
CA LEU A 360 18.22 -9.00 5.40
C LEU A 360 19.13 -8.42 6.48
N GLY A 361 19.69 -9.32 7.29
CA GLY A 361 20.54 -8.94 8.41
C GLY A 361 19.84 -8.11 9.47
N ASP A 362 20.63 -7.28 10.15
CA ASP A 362 20.13 -6.36 11.15
C ASP A 362 19.83 -5.06 10.43
N ILE A 363 18.59 -4.59 10.54
CA ILE A 363 18.19 -3.35 9.88
C ILE A 363 18.06 -2.22 10.90
N LYS A 364 18.99 -1.27 10.88
CA LYS A 364 18.88 -0.09 11.76
C LYS A 364 17.63 0.73 11.42
N ILE A 365 16.84 1.07 12.42
CA ILE A 365 15.64 1.84 12.16
C ILE A 365 15.28 2.74 13.34
N SER A 366 14.98 4.00 13.03
CA SER A 366 14.59 4.96 14.04
C SER A 366 13.15 4.68 14.48
N GLN A 367 12.87 4.85 15.78
CA GLN A 367 11.51 4.67 16.29
C GLN A 367 10.51 5.71 15.75
N LEU A 368 11.02 6.70 15.01
CA LEU A 368 10.20 7.75 14.43
C LEU A 368 9.74 7.41 13.02
N GLU A 369 10.50 6.55 12.32
CA GLU A 369 10.28 6.27 10.90
C GLU A 369 9.67 4.88 10.63
N ILE A 370 9.21 4.69 9.40
CA ILE A 370 9.03 3.35 8.83
C ILE A 370 9.89 3.40 7.60
N LEU A 371 10.31 2.23 7.09
CA LEU A 371 11.04 2.22 5.84
C LEU A 371 10.18 1.59 4.76
N LEU A 372 10.25 2.15 3.57
CA LEU A 372 9.33 1.80 2.51
C LEU A 372 10.06 1.59 1.21
N SER A 373 9.54 0.67 0.41
CA SER A 373 10.04 0.48 -0.94
C SER A 373 9.68 1.73 -1.73
N ARG A 374 10.57 2.12 -2.63
CA ARG A 374 10.33 3.26 -3.50
C ARG A 374 10.68 2.89 -4.91
N LEU A 375 9.65 2.59 -5.69
CA LEU A 375 9.84 2.09 -7.05
C LEU A 375 9.59 3.17 -8.09
N LYS A 376 10.27 3.05 -9.22
CA LYS A 376 10.07 3.97 -10.35
C LYS A 376 8.67 3.83 -10.93
N ALA A 377 8.11 4.96 -11.38
CA ALA A 377 6.77 4.99 -11.95
C ALA A 377 6.86 5.34 -13.45
N ALA A 378 5.70 5.57 -14.07
CA ALA A 378 5.58 5.93 -15.50
C ALA A 378 6.67 6.92 -16.00
N THR A 379 6.85 8.03 -15.28
CA THR A 379 7.77 9.11 -15.68
C THR A 379 9.30 8.80 -15.53
N GLY A 380 9.65 7.77 -14.78
CA GLY A 380 11.06 7.48 -14.43
C GLY A 380 11.43 8.00 -13.03
N LYS A 381 10.46 8.62 -12.36
CA LYS A 381 10.59 9.07 -10.98
C LYS A 381 10.11 7.99 -10.00
N LYS A 382 10.79 7.89 -8.85
CA LYS A 382 10.45 6.91 -7.82
C LYS A 382 9.21 7.31 -7.02
N THR A 383 8.51 6.32 -6.48
CA THR A 383 7.34 6.56 -5.65
C THR A 383 7.23 5.48 -4.57
N PHE A 384 6.77 5.87 -3.38
CA PHE A 384 6.48 4.91 -2.31
C PHE A 384 5.59 3.77 -2.81
N SER A 385 5.95 2.55 -2.42
CA SER A 385 5.13 1.38 -2.61
C SER A 385 4.94 0.75 -1.24
N ASN A 386 3.76 0.17 -1.00
CA ASN A 386 3.52 -0.53 0.26
C ASN A 386 3.79 -2.04 0.17
N ALA A 387 4.63 -2.42 -0.81
CA ALA A 387 4.99 -3.81 -1.03
C ALA A 387 6.10 -4.31 -0.12
N PHE A 388 6.85 -3.38 0.47
CA PHE A 388 7.93 -3.69 1.39
C PHE A 388 7.99 -2.61 2.46
N ILE A 389 7.70 -3.01 3.70
CA ILE A 389 7.59 -2.08 4.82
C ILE A 389 8.41 -2.60 5.99
N ILE A 390 9.23 -1.75 6.57
CA ILE A 390 9.96 -2.11 7.79
C ILE A 390 9.58 -1.15 8.89
N SER A 391 9.12 -1.69 10.01
CA SER A 391 8.76 -0.88 11.16
C SER A 391 8.69 -1.73 12.41
N ASN A 392 9.16 -1.20 13.53
CA ASN A 392 8.82 -1.76 14.85
C ASN A 392 7.42 -1.33 15.28
N ASN A 393 6.76 -2.08 16.16
CA ASN A 393 5.35 -1.75 16.43
C ASN A 393 5.12 -0.45 17.19
N ASP A 394 6.16 0.04 17.85
CA ASP A 394 6.06 1.23 18.68
C ASP A 394 6.51 2.47 17.91
N SER A 395 6.47 2.38 16.59
CA SER A 395 6.89 3.47 15.70
C SER A 395 5.86 4.60 15.58
N LEU A 396 6.37 5.82 15.58
CA LEU A 396 5.55 7.02 15.41
C LEU A 396 4.89 7.11 14.04
N THR A 397 5.66 6.92 12.97
CA THR A 397 5.09 6.92 11.61
C THR A 397 4.03 5.83 11.44
N LEU A 398 4.21 4.69 12.10
CA LEU A 398 3.23 3.62 12.05
C LEU A 398 1.93 4.04 12.69
N ASN A 399 2.00 4.72 13.84
CA ASN A 399 0.80 5.25 14.46
C ASN A 399 0.11 6.28 13.56
N ASN A 400 0.91 7.06 12.84
CA ASN A 400 0.38 7.99 11.86
C ASN A 400 -0.27 7.29 10.68
N LEU A 401 0.32 6.17 10.27
CA LEU A 401 -0.25 5.31 9.23
C LEU A 401 -1.62 4.75 9.62
N ILE A 402 -1.75 4.24 10.84
CA ILE A 402 -3.01 3.67 11.32
C ILE A 402 -4.05 4.78 11.44
N SER A 403 -3.58 5.95 11.87
CA SER A 403 -4.40 7.15 11.97
C SER A 403 -4.89 7.59 10.57
N GLN A 404 -3.98 7.68 9.60
CA GLN A 404 -4.35 7.97 8.22
C GLN A 404 -5.46 7.03 7.72
N LEU A 405 -5.23 5.73 7.85
CA LEU A 405 -6.17 4.72 7.37
C LEU A 405 -7.54 4.89 8.04
N GLU A 406 -7.55 5.05 9.36
CA GLU A 406 -8.78 5.19 10.13
C GLU A 406 -9.52 6.46 9.73
N ASN A 407 -8.75 7.53 9.55
CA ASN A 407 -9.30 8.82 9.15
C ASN A 407 -9.97 8.77 7.77
N ARG A 408 -9.27 8.20 6.79
CA ARG A 408 -9.78 8.12 5.44
C ARG A 408 -10.99 7.20 5.30
N TYR A 409 -11.00 6.12 6.09
CA TYR A 409 -12.11 5.18 6.05
C TYR A 409 -13.35 5.74 6.74
N GLU A 410 -13.16 6.44 7.86
CA GLU A 410 -14.28 7.04 8.58
C GLU A 410 -15.00 8.09 7.74
N ILE A 411 -14.21 8.96 7.10
CA ILE A 411 -14.73 9.95 6.16
C ILE A 411 -15.56 9.26 5.07
N LEU A 412 -14.98 8.25 4.41
CA LEU A 412 -15.65 7.50 3.35
C LEU A 412 -16.94 6.83 3.81
N ASN A 413 -16.86 6.07 4.89
CA ASN A 413 -18.03 5.37 5.41
C ASN A 413 -19.12 6.34 5.91
N SER A 414 -18.69 7.50 6.41
CA SER A 414 -19.64 8.50 6.93
C SER A 414 -20.55 9.05 5.84
N ILE A 415 -20.19 8.86 4.58
CA ILE A 415 -21.06 9.33 3.50
C ILE A 415 -21.60 8.23 2.58
N ILE A 416 -20.90 7.11 2.45
CA ILE A 416 -21.41 6.04 1.58
C ILE A 416 -22.24 4.94 2.26
N GLN A 417 -21.99 4.66 3.54
CA GLN A 417 -22.54 3.44 4.15
C GLN A 417 -24.05 3.41 4.32
N GLU A 418 -24.62 4.48 4.85
CA GLU A 418 -26.07 4.53 5.03
C GLU A 418 -26.79 4.68 3.70
N LYS A 419 -26.11 5.30 2.73
CA LYS A 419 -26.66 5.42 1.39
C LYS A 419 -26.52 4.13 0.58
N PHE A 420 -25.79 3.16 1.12
CA PHE A 420 -25.71 1.84 0.51
C PHE A 420 -26.82 0.99 1.09
N LYS A 421 -27.15 1.29 2.34
CA LYS A 421 -28.27 0.69 3.05
C LYS A 421 -29.61 1.19 2.50
N ILE A 422 -29.67 2.47 2.13
CA ILE A 422 -30.89 3.07 1.61
C ILE A 422 -31.06 2.82 0.11
N CYS A 423 -30.17 3.37 -0.70
CA CYS A 423 -30.33 3.35 -2.15
C CYS A 423 -30.47 1.94 -2.69
N GLU A 424 -31.59 1.68 -3.37
CA GLU A 424 -31.92 0.36 -3.87
C GLU A 424 -31.38 0.11 -5.29
N THR A 425 -31.02 1.20 -5.98
CA THR A 425 -30.41 1.10 -7.31
C THR A 425 -29.13 1.95 -7.38
N TYR A 426 -28.24 1.60 -8.31
CA TYR A 426 -26.94 2.27 -8.42
C TYR A 426 -27.04 3.74 -8.85
N ASP A 427 -27.98 4.03 -9.76
CA ASP A 427 -28.26 5.39 -10.20
C ASP A 427 -28.57 6.23 -8.99
N SER A 428 -29.51 5.75 -8.18
CA SER A 428 -29.94 6.43 -6.98
C SER A 428 -28.79 6.53 -5.98
N TYR A 429 -27.91 5.52 -5.98
CA TYR A 429 -26.74 5.48 -5.13
C TYR A 429 -25.78 6.64 -5.44
N ILE A 430 -25.35 6.75 -6.70
CA ILE A 430 -24.35 7.77 -7.08
C ILE A 430 -24.90 9.19 -7.14
N ASN A 431 -26.22 9.33 -7.10
CA ASN A 431 -26.85 10.66 -6.98
C ASN A 431 -26.88 11.08 -5.52
N SER A 432 -27.40 10.21 -4.67
CA SER A 432 -27.48 10.45 -3.24
C SER A 432 -26.10 10.64 -2.61
N VAL A 433 -25.10 9.88 -3.09
CA VAL A 433 -23.72 10.00 -2.63
C VAL A 433 -23.09 11.29 -3.14
N SER A 434 -23.38 11.62 -4.41
CA SER A 434 -22.82 12.82 -5.03
C SER A 434 -23.24 14.11 -4.31
N GLU A 435 -24.54 14.26 -4.04
CA GLU A 435 -25.01 15.43 -3.32
C GLU A 435 -24.31 15.56 -1.96
N LEU A 436 -24.09 14.42 -1.30
CA LEU A 436 -23.40 14.39 -0.01
C LEU A 436 -21.94 14.84 -0.08
N VAL A 437 -21.27 14.51 -1.18
CA VAL A 437 -19.88 14.96 -1.38
C VAL A 437 -19.81 16.49 -1.40
N LEU A 438 -20.67 17.13 -2.18
CA LEU A 438 -20.63 18.58 -2.35
C LEU A 438 -21.17 19.36 -1.15
N GLU A 439 -21.74 18.66 -0.17
CA GLU A 439 -22.29 19.31 1.02
C GLU A 439 -21.42 19.19 2.27
N THR A 440 -20.44 18.29 2.23
CA THR A 440 -19.62 18.00 3.40
C THR A 440 -18.11 18.18 3.23
N THR A 441 -17.65 18.27 1.97
CA THR A 441 -16.26 18.58 1.67
C THR A 441 -15.88 19.87 2.40
N PRO A 442 -14.83 19.83 3.25
CA PRO A 442 -14.40 21.04 3.93
C PRO A 442 -13.95 22.14 2.96
N LYS A 443 -13.99 23.38 3.41
CA LYS A 443 -13.81 24.55 2.55
C LYS A 443 -12.44 24.63 1.86
N ASN A 444 -11.37 24.67 2.65
CA ASN A 444 -10.01 24.89 2.14
C ASN A 444 -9.14 23.63 2.14
N LEU A 445 -9.18 22.87 1.05
CA LEU A 445 -8.37 21.68 0.93
C LEU A 445 -7.30 21.83 -0.15
N SER A 446 -6.10 21.38 0.14
CA SER A 446 -4.99 21.42 -0.83
C SER A 446 -5.34 20.63 -2.09
N MET A 447 -4.55 20.82 -3.13
CA MET A 447 -4.71 20.05 -4.37
C MET A 447 -5.01 18.58 -4.06
N ASP A 448 -4.32 18.05 -3.04
CA ASP A 448 -4.44 16.64 -2.66
C ASP A 448 -5.68 16.31 -1.85
N GLY A 449 -5.97 17.13 -0.83
CA GLY A 449 -7.19 16.97 -0.03
C GLY A 449 -8.42 16.91 -0.92
N SER A 450 -8.42 17.75 -1.96
CA SER A 450 -9.51 17.79 -2.93
C SER A 450 -9.54 16.52 -3.76
N SER A 451 -8.39 16.13 -4.33
CA SER A 451 -8.27 14.87 -5.06
C SER A 451 -8.83 13.66 -4.32
N PHE A 452 -8.66 13.66 -3.00
CA PHE A 452 -9.14 12.58 -2.17
C PHE A 452 -10.68 12.50 -2.18
N TYR A 453 -11.35 13.59 -1.81
CA TYR A 453 -12.81 13.59 -1.74
C TYR A 453 -13.48 13.27 -3.08
N GLN A 454 -12.81 13.64 -4.16
CA GLN A 454 -13.26 13.27 -5.50
C GLN A 454 -13.26 11.75 -5.78
N GLN A 455 -12.58 10.97 -4.93
CA GLN A 455 -12.48 9.52 -5.12
C GLN A 455 -13.64 8.71 -4.55
N ILE A 456 -14.26 9.25 -3.53
CA ILE A 456 -15.34 8.59 -2.81
C ILE A 456 -16.46 8.05 -3.71
N ILE A 457 -16.89 8.85 -4.69
CA ILE A 457 -17.96 8.42 -5.62
C ILE A 457 -17.65 7.13 -6.39
N GLY A 458 -16.42 7.02 -6.89
CA GLY A 458 -16.01 5.86 -7.67
C GLY A 458 -15.44 4.72 -6.84
N TYR A 459 -15.68 4.72 -5.54
CA TYR A 459 -15.17 3.67 -4.65
C TYR A 459 -15.74 2.27 -4.96
N LEU A 460 -17.07 2.13 -4.90
CA LEU A 460 -17.75 0.86 -5.14
C LEU A 460 -17.43 0.24 -6.48
N SER A 461 -17.11 1.08 -7.46
CA SER A 461 -16.90 0.62 -8.83
C SER A 461 -15.47 0.14 -9.09
N SER A 462 -14.56 0.41 -8.17
CA SER A 462 -13.14 0.11 -8.36
C SER A 462 -12.93 -1.38 -8.50
N GLY A 463 -12.22 -1.77 -9.56
CA GLY A 463 -12.01 -3.17 -9.87
C GLY A 463 -13.14 -3.77 -10.67
N PHE A 464 -14.27 -3.07 -10.77
CA PHE A 464 -15.38 -3.54 -11.57
C PHE A 464 -15.61 -2.64 -12.79
N LYS A 465 -15.24 -1.36 -12.67
CA LYS A 465 -15.20 -0.45 -13.82
C LYS A 465 -13.74 -0.28 -14.30
N PRO A 466 -13.52 -0.42 -15.63
CA PRO A 466 -12.21 -0.72 -16.25
C PRO A 466 -11.00 0.10 -15.80
N GLU A 467 -11.16 1.41 -15.60
CA GLU A 467 -10.01 2.25 -15.23
C GLU A 467 -10.22 3.08 -13.96
N VAL A 468 -10.89 2.49 -12.98
CA VAL A 468 -11.07 3.11 -11.68
C VAL A 468 -10.23 2.36 -10.66
N ASN A 469 -9.27 3.06 -10.07
CA ASN A 469 -8.38 2.50 -9.05
C ASN A 469 -8.45 3.29 -7.74
N SER A 470 -9.54 3.12 -7.02
CA SER A 470 -9.84 3.91 -5.83
C SER A 470 -8.92 3.68 -4.63
N THR A 471 -8.40 2.47 -4.46
CA THR A 471 -7.82 2.09 -3.16
C THR A 471 -6.40 2.56 -2.87
N VAL A 472 -5.78 3.18 -3.88
CA VAL A 472 -4.50 3.87 -3.68
C VAL A 472 -4.69 4.99 -2.66
N PHE A 473 -5.89 5.58 -2.65
CA PHE A 473 -6.24 6.74 -1.81
C PHE A 473 -6.68 6.36 -0.39
N PHE A 474 -7.14 5.13 -0.22
CA PHE A 474 -7.72 4.72 1.06
C PHE A 474 -6.86 3.76 1.87
N SER A 475 -6.18 2.83 1.22
CA SER A 475 -5.35 1.85 1.92
C SER A 475 -3.94 1.69 1.34
N GLY A 476 -3.76 2.17 0.12
CA GLY A 476 -2.52 1.98 -0.61
C GLY A 476 -1.50 3.09 -0.45
N PRO A 477 -0.53 3.16 -1.36
CA PRO A 477 0.65 4.02 -1.29
C PRO A 477 0.41 5.48 -0.88
N ASN A 478 -0.71 6.07 -1.28
CA ASN A 478 -0.95 7.50 -0.97
C ASN A 478 -1.08 7.76 0.52
N ILE A 479 -1.61 6.80 1.26
CA ILE A 479 -1.76 6.95 2.71
C ILE A 479 -0.41 6.81 3.42
N TYR A 480 0.56 6.19 2.74
CA TYR A 480 1.90 6.01 3.29
C TYR A 480 2.70 7.28 3.15
N SER A 481 2.60 7.93 1.98
CA SER A 481 3.28 9.18 1.77
C SER A 481 2.65 10.30 2.57
N SER A 482 1.38 10.15 2.93
CA SER A 482 0.74 11.11 3.81
C SER A 482 1.06 10.86 5.29
N ALA A 483 1.22 9.60 5.67
CA ALA A 483 1.62 9.26 7.05
C ALA A 483 3.06 9.68 7.29
N THR A 484 3.85 9.60 6.23
CA THR A 484 5.23 10.06 6.20
C THR A 484 5.29 11.59 6.27
N CYS A 485 4.39 12.23 5.53
CA CYS A 485 4.26 13.67 5.53
C CYS A 485 3.80 14.19 6.89
N ASP A 486 2.87 13.48 7.51
CA ASP A 486 2.44 13.73 8.89
C ASP A 486 3.65 13.84 9.81
N THR A 487 4.51 12.84 9.76
CA THR A 487 5.62 12.73 10.68
C THR A 487 6.64 13.86 10.47
N TYR A 488 7.01 14.06 9.22
CA TYR A 488 8.08 14.97 8.87
C TYR A 488 7.71 16.44 9.05
N HIS A 489 6.43 16.76 8.87
CA HIS A 489 5.94 18.13 8.99
C HIS A 489 5.18 18.39 10.30
N PHE A 490 5.32 17.48 11.27
CA PHE A 490 4.74 17.65 12.60
C PHE A 490 3.23 17.86 12.64
N ILE A 491 2.51 17.29 11.68
CA ILE A 491 1.05 17.40 11.63
C ILE A 491 0.40 16.01 11.73
N LYS A 492 -0.92 15.95 11.53
CA LYS A 492 -1.66 14.69 11.59
C LYS A 492 -2.83 14.67 10.61
N ASN A 493 -3.07 13.51 10.00
CA ASN A 493 -4.17 13.32 9.06
C ASN A 493 -4.15 14.21 7.81
N THR A 494 -2.97 14.64 7.40
CA THR A 494 -2.88 15.42 6.18
C THR A 494 -3.17 14.54 4.96
N PHE A 495 -3.65 15.14 3.89
CA PHE A 495 -3.76 14.43 2.62
C PHE A 495 -2.57 14.80 1.74
N ASP A 496 -1.64 15.57 2.30
CA ASP A 496 -0.51 16.02 1.51
C ASP A 496 0.58 14.97 1.37
N MET A 497 1.40 15.15 0.34
CA MET A 497 2.46 14.22 0.03
C MET A 497 3.82 14.89 0.05
N LEU A 498 4.87 14.09 0.08
CA LEU A 498 6.21 14.57 0.35
C LEU A 498 6.99 14.67 -0.96
N SER A 499 7.95 15.58 -1.02
CA SER A 499 8.78 15.71 -2.22
C SER A 499 9.76 14.53 -2.33
N SER A 500 10.18 14.19 -3.55
CA SER A 500 11.18 13.14 -3.77
C SER A 500 12.34 13.22 -2.80
N GLN A 501 12.95 14.40 -2.72
CA GLN A 501 14.07 14.65 -1.81
C GLN A 501 13.73 14.21 -0.38
N ASN A 502 12.53 14.52 0.08
CA ASN A 502 12.13 14.20 1.45
C ASN A 502 11.71 12.74 1.69
N GLN A 503 11.15 12.11 0.66
CA GLN A 503 10.76 10.72 0.74
C GLN A 503 11.97 9.84 0.90
N GLU A 504 13.10 10.29 0.38
CA GLU A 504 14.33 9.51 0.42
C GLU A 504 14.67 9.09 1.86
N ILE A 505 14.32 9.94 2.82
CA ILE A 505 14.52 9.67 4.24
C ILE A 505 13.87 8.35 4.67
N PHE A 506 12.65 8.11 4.23
CA PHE A 506 11.90 6.95 4.67
C PHE A 506 12.04 5.79 3.71
N GLU A 507 13.05 5.84 2.84
CA GLU A 507 13.24 4.82 1.84
C GLU A 507 13.99 3.62 2.38
N ALA A 508 13.43 2.43 2.13
CA ALA A 508 14.11 1.17 2.42
C ALA A 508 15.10 0.91 1.31
N SER A 509 16.34 0.63 1.69
CA SER A 509 17.42 0.37 0.74
C SER A 509 17.13 -0.71 -0.32
N ASN A 510 17.78 -0.60 -1.47
CA ASN A 510 17.63 -1.57 -2.57
C ASN A 510 18.27 -2.94 -2.34
N ASN A 511 19.23 -2.99 -1.43
CA ASN A 511 19.86 -4.24 -1.04
C ASN A 511 18.93 -5.16 -0.25
N LEU A 512 17.80 -4.60 0.20
CA LEU A 512 16.88 -5.29 1.09
C LEU A 512 15.83 -6.11 0.36
N TYR A 513 15.59 -5.80 -0.92
CA TYR A 513 14.60 -6.53 -1.70
C TYR A 513 14.92 -6.43 -3.19
N PHE A 514 14.48 -7.43 -3.93
CA PHE A 514 14.57 -7.46 -5.38
C PHE A 514 13.14 -7.45 -5.94
N SER A 515 12.86 -6.51 -6.84
CA SER A 515 11.50 -6.34 -7.38
C SER A 515 11.37 -6.65 -8.87
N LYS A 516 12.46 -7.04 -9.52
CA LYS A 516 12.42 -7.32 -10.95
C LYS A 516 12.19 -8.81 -11.20
N THR A 517 11.02 -9.27 -10.80
CA THR A 517 10.71 -10.69 -10.82
C THR A 517 9.57 -10.93 -11.79
N HIS A 518 9.46 -12.16 -12.27
CA HIS A 518 8.40 -12.52 -13.21
C HIS A 518 7.01 -12.17 -12.69
N ASP A 519 6.71 -12.59 -11.45
CA ASP A 519 5.40 -12.34 -10.87
C ASP A 519 5.14 -10.84 -10.67
N GLU A 520 6.19 -10.05 -10.54
CA GLU A 520 6.03 -8.61 -10.38
C GLU A 520 5.68 -7.92 -11.69
N PHE A 521 6.31 -8.38 -12.77
CA PHE A 521 6.00 -7.87 -14.10
C PHE A 521 4.62 -8.29 -14.54
N LYS A 522 4.15 -9.43 -14.04
CA LYS A 522 2.82 -9.89 -14.37
C LYS A 522 1.77 -9.05 -13.66
N SER A 523 2.11 -8.53 -12.48
CA SER A 523 1.24 -7.62 -11.72
C SER A 523 1.11 -6.23 -12.35
N SER A 524 2.09 -5.84 -13.16
CA SER A 524 2.08 -4.53 -13.82
C SER A 524 1.01 -4.37 -14.91
N TRP A 525 0.28 -5.45 -15.19
CA TRP A 525 -0.84 -5.40 -16.14
C TRP A 525 -2.12 -4.76 -15.60
N LEU A 526 -2.10 -4.39 -14.32
CA LEU A 526 -3.23 -3.71 -13.66
C LEU A 526 -3.54 -2.32 -14.22
N LEU A 527 -2.52 -1.62 -14.72
CA LEU A 527 -2.72 -0.30 -15.32
C LEU A 527 -2.36 -0.33 -16.81
N ARG A 528 -3.39 -0.49 -17.64
CA ARG A 528 -3.20 -0.52 -19.10
C ARG A 528 -4.38 0.14 -19.81
N SER A 529 -4.16 0.52 -21.07
CA SER A 529 -5.22 1.03 -21.94
C SER A 529 -6.06 -0.13 -22.49
N ASN A 530 -5.62 -1.36 -22.23
CA ASN A 530 -6.32 -2.57 -22.64
C ASN A 530 -7.61 -2.77 -21.84
N ILE A 531 -8.62 -1.97 -22.20
CA ILE A 531 -9.92 -2.00 -21.54
C ILE A 531 -11.02 -2.26 -22.57
N ALA A 532 -10.64 -2.13 -23.84
CA ALA A 532 -11.52 -2.45 -24.96
C ALA A 532 -11.56 -3.95 -25.22
N GLU A 533 -10.78 -4.71 -24.44
CA GLU A 533 -10.78 -6.18 -24.52
C GLU A 533 -11.93 -6.81 -23.70
N LYS A 534 -13.09 -6.17 -23.80
CA LYS A 534 -14.38 -6.75 -23.46
C LYS A 534 -14.73 -7.76 -24.55
N GLU A 535 -14.22 -7.49 -25.76
CA GLU A 535 -14.38 -8.37 -26.91
C GLU A 535 -13.80 -9.76 -26.62
N PHE A 536 -13.07 -9.89 -25.52
CA PHE A 536 -12.54 -11.18 -25.06
C PHE A 536 -13.63 -12.07 -24.48
N GLN A 537 -14.71 -11.45 -24.00
CA GLN A 537 -15.79 -12.20 -23.34
C GLN A 537 -17.12 -12.27 -24.09
N LYS A 538 -17.30 -11.42 -25.10
CA LYS A 538 -18.44 -11.56 -26.01
C LYS A 538 -18.23 -12.78 -26.90
N LEU A 539 -16.96 -13.13 -27.13
CA LEU A 539 -16.56 -14.36 -27.81
C LEU A 539 -16.85 -15.56 -26.93
N ILE A 540 -16.73 -15.37 -25.60
CA ILE A 540 -17.00 -16.41 -24.62
C ILE A 540 -18.49 -16.81 -24.61
N LYS A 541 -19.37 -15.83 -24.35
CA LYS A 541 -20.82 -16.01 -24.51
C LYS A 541 -21.53 -14.72 -24.90
#